data_7G1J
#
_entry.id   7G1J
#
_cell.length_a   32.372
_cell.length_b   54.053
_cell.length_c   75.123
_cell.angle_alpha   90.000
_cell.angle_beta   90.000
_cell.angle_gamma   90.000
#
_symmetry.space_group_name_H-M   'P 21 21 21'
#
loop_
_entity.id
_entity.type
_entity.pdbx_description
1 polymer 'Fatty acid-binding protein, adipocyte'
2 non-polymer '2-{[(3M)-3-(3-cyclopropyl-1,2,4-oxadiazol-5-yl)-4,5-dimethylthiophen-2-yl]carbamoyl}cyclohex-1-ene-1-carboxylic acid'
3 non-polymer 'SULFATE ION'
4 water water
#
_entity_poly.entity_id   1
_entity_poly.type   'polypeptide(L)'
_entity_poly.pdbx_seq_one_letter_code
;GSHMCDAFVGTWKLVSSENFDDYMKEVGVGFATRKVAGMAKPNMIISVNGDVITIKSESTFKNTEISFILGQEFDEVTAD
DRKVKSTITLDGGVLVHVQKWDGKSTTIKRKREDDKLVVECVMKGVTSTRVYERA
;
_entity_poly.pdbx_strand_id   A
#
loop_
_chem_comp.id
_chem_comp.type
_chem_comp.name
_chem_comp.formula
SO4 non-polymer 'SULFATE ION' 'O4 S -2'
WKW non-polymer '2-{[(3M)-3-(3-cyclopropyl-1,2,4-oxadiazol-5-yl)-4,5-dimethylthiophen-2-yl]carbamoyl}cyclohex-1-ene-1-carboxylic acid' 'C19 H21 N3 O4 S'
#
# COMPACT_ATOMS: atom_id res chain seq x y z
N SER A 2 -23.32 -6.61 -2.93
CA SER A 2 -22.14 -6.55 -1.99
C SER A 2 -21.09 -7.39 -2.61
N HIS A 3 -19.84 -7.27 -2.18
CA HIS A 3 -18.77 -7.81 -2.94
C HIS A 3 -17.47 -7.78 -2.28
N MET A 4 -16.48 -8.00 -3.17
CA MET A 4 -15.11 -8.54 -2.92
C MET A 4 -14.35 -7.77 -1.89
N CYS A 5 -14.46 -6.48 -1.96
CA CYS A 5 -13.71 -5.66 -1.05
C CYS A 5 -14.50 -4.72 -0.19
N ASP A 6 -15.77 -5.07 0.07
CA ASP A 6 -16.68 -4.12 0.77
C ASP A 6 -16.13 -3.58 2.05
N ALA A 7 -15.50 -4.43 2.84
CA ALA A 7 -15.05 -4.05 4.19
C ALA A 7 -13.81 -3.13 4.12
N PHE A 8 -13.17 -3.01 2.91
CA PHE A 8 -12.03 -2.11 2.71
C PHE A 8 -12.47 -0.72 2.33
N VAL A 9 -13.63 -0.58 1.70
CA VAL A 9 -14.04 0.70 1.11
C VAL A 9 -14.22 1.74 2.21
N GLY A 10 -13.71 2.94 1.93
CA GLY A 10 -13.88 4.07 2.82
C GLY A 10 -12.67 4.96 2.84
N THR A 11 -12.68 5.84 3.83
CA THR A 11 -11.59 6.80 4.06
C THR A 11 -10.97 6.43 5.40
N TRP A 12 -9.65 6.25 5.37
CA TRP A 12 -8.87 5.70 6.47
C TRP A 12 -7.74 6.69 6.79
N LYS A 13 -7.41 6.84 8.05
CA LYS A 13 -6.30 7.75 8.47
C LYS A 13 -5.24 6.91 9.18
N LEU A 14 -3.96 7.19 8.90
CA LEU A 14 -2.85 6.48 9.56
C LEU A 14 -2.80 6.89 11.02
N VAL A 15 -2.77 5.86 11.91
CA VAL A 15 -2.66 6.08 13.29
C VAL A 15 -1.37 5.58 13.92
N SER A 16 -0.72 4.57 13.39
CA SER A 16 0.54 4.13 13.92
C SER A 16 1.40 3.55 12.82
N SER A 17 2.73 3.62 13.01
CA SER A 17 3.69 3.08 12.02
C SER A 17 4.81 2.48 12.81
N GLU A 18 5.24 1.28 12.52
CA GLU A 18 6.34 0.60 13.16
C GLU A 18 7.30 0.10 12.12
N ASN A 19 8.59 0.39 12.39
CA ASN A 19 9.70 -0.13 11.54
CA ASN A 19 9.72 -0.12 11.59
C ASN A 19 9.69 0.40 10.13
N PHE A 20 9.06 1.53 9.88
CA PHE A 20 8.92 2.04 8.53
C PHE A 20 10.25 2.54 7.97
N ASP A 21 11.08 3.16 8.83
CA ASP A 21 12.36 3.66 8.34
C ASP A 21 13.19 2.46 7.81
N ASP A 22 13.25 1.35 8.52
CA ASP A 22 14.00 0.22 8.10
C ASP A 22 13.42 -0.41 6.83
N TYR A 23 12.08 -0.39 6.69
CA TYR A 23 11.48 -0.90 5.46
C TYR A 23 11.90 -0.03 4.28
N MET A 24 11.84 1.28 4.45
CA MET A 24 12.25 2.21 3.41
C MET A 24 13.72 2.02 3.05
N LYS A 25 14.58 1.86 4.03
CA LYS A 25 16.02 1.62 3.78
C LYS A 25 16.12 0.40 2.89
N GLU A 26 15.44 -0.71 3.20
CA GLU A 26 15.54 -1.96 2.48
C GLU A 26 15.06 -1.78 1.01
N VAL A 27 14.06 -0.95 0.77
CA VAL A 27 13.55 -0.67 -0.53
C VAL A 27 14.49 0.27 -1.35
N GLY A 28 15.36 0.96 -0.66
CA GLY A 28 16.31 1.84 -1.30
C GLY A 28 16.02 3.33 -1.23
N VAL A 29 15.12 3.74 -0.35
CA VAL A 29 14.76 5.14 -0.26
C VAL A 29 15.91 5.92 0.40
N GLY A 30 16.19 7.09 -0.17
CA GLY A 30 17.25 7.89 0.38
C GLY A 30 16.85 8.71 1.57
N PHE A 31 17.86 9.25 2.23
CA PHE A 31 17.71 9.90 3.54
C PHE A 31 16.59 10.92 3.56
N ALA A 32 16.59 11.89 2.68
CA ALA A 32 15.64 12.99 2.83
C ALA A 32 14.24 12.50 2.64
N THR A 33 14.00 11.67 1.63
CA THR A 33 12.68 11.11 1.46
C THR A 33 12.27 10.31 2.65
N ARG A 34 13.13 9.50 3.22
CA ARG A 34 12.72 8.76 4.43
C ARG A 34 12.29 9.65 5.55
N LYS A 35 13.01 10.77 5.74
CA LYS A 35 12.65 11.65 6.85
C LYS A 35 11.29 12.28 6.63
N VAL A 36 11.03 12.76 5.41
CA VAL A 36 9.75 13.44 5.12
C VAL A 36 8.61 12.41 5.11
N ALA A 37 8.86 11.27 4.54
CA ALA A 37 7.87 10.17 4.50
C ALA A 37 7.52 9.71 5.90
N GLY A 38 8.52 9.69 6.79
CA GLY A 38 8.31 9.26 8.14
C GLY A 38 7.34 10.12 8.94
N MET A 39 7.26 11.42 8.64
CA MET A 39 6.32 12.33 9.34
C MET A 39 4.89 12.25 8.85
N ALA A 40 4.72 11.79 7.62
CA ALA A 40 3.38 11.88 6.99
C ALA A 40 2.37 11.00 7.72
N LYS A 41 1.14 11.50 7.76
CA LYS A 41 -0.04 10.76 8.24
C LYS A 41 -1.04 10.73 7.13
N PRO A 42 -0.82 9.89 6.11
CA PRO A 42 -1.67 9.91 4.94
C PRO A 42 -3.09 9.43 5.28
N ASN A 43 -4.00 9.92 4.48
CA ASN A 43 -5.30 9.26 4.34
C ASN A 43 -5.29 8.28 3.18
N MET A 44 -5.86 7.09 3.41
CA MET A 44 -5.99 6.05 2.40
C MET A 44 -7.47 6.02 2.04
N ILE A 45 -7.80 6.20 0.76
CA ILE A 45 -9.18 6.23 0.30
C ILE A 45 -9.37 5.12 -0.67
N ILE A 46 -10.22 4.15 -0.33
CA ILE A 46 -10.45 2.95 -1.13
C ILE A 46 -11.87 2.96 -1.67
N SER A 47 -12.03 2.74 -2.96
CA SER A 47 -13.34 2.66 -3.59
C SER A 47 -13.33 1.54 -4.60
N VAL A 48 -14.52 1.07 -4.97
CA VAL A 48 -14.67 0.03 -5.94
C VAL A 48 -15.80 0.40 -6.89
N ASN A 49 -15.57 0.20 -8.19
CA ASN A 49 -16.60 0.47 -9.22
C ASN A 49 -16.47 -0.72 -10.17
N GLY A 50 -17.44 -1.62 -10.09
CA GLY A 50 -17.37 -2.88 -10.84
C GLY A 50 -16.15 -3.71 -10.43
N ASP A 51 -15.33 -4.08 -11.39
CA ASP A 51 -14.14 -4.83 -11.12
C ASP A 51 -12.92 -3.95 -10.79
N VAL A 52 -13.08 -2.63 -10.86
CA VAL A 52 -11.96 -1.75 -10.68
C VAL A 52 -11.93 -1.22 -9.23
N ILE A 53 -10.77 -1.49 -8.58
CA ILE A 53 -10.48 -1.01 -7.24
C ILE A 53 -9.56 0.17 -7.35
N THR A 54 -9.87 1.24 -6.63
CA THR A 54 -9.01 2.42 -6.58
C THR A 54 -8.54 2.62 -5.17
N ILE A 55 -7.22 2.82 -4.97
CA ILE A 55 -6.62 3.12 -3.65
C ILE A 55 -5.85 4.40 -3.83
N LYS A 56 -6.28 5.47 -3.18
CA LYS A 56 -5.58 6.74 -3.15
C LYS A 56 -4.84 6.88 -1.82
N SER A 57 -3.69 7.55 -1.86
CA SER A 57 -2.92 7.95 -0.70
C SER A 57 -2.83 9.46 -0.76
N GLU A 58 -3.36 10.18 0.22
CA GLU A 58 -3.32 11.63 0.22
C GLU A 58 -2.59 12.14 1.45
N SER A 59 -1.60 13.00 1.22
CA SER A 59 -0.82 13.52 2.36
C SER A 59 -0.33 14.86 2.02
N THR A 60 0.41 15.42 2.98
CA THR A 60 1.17 16.63 2.80
C THR A 60 2.22 16.54 1.70
N PHE A 61 2.86 15.41 1.59
CA PHE A 61 4.03 15.39 0.75
C PHE A 61 3.53 15.27 -0.69
N LYS A 62 2.62 14.33 -0.84
CA LYS A 62 2.42 13.66 -2.08
C LYS A 62 1.02 13.02 -2.11
N ASN A 63 0.26 13.23 -3.16
CA ASN A 63 -0.99 12.47 -3.40
C ASN A 63 -0.67 11.49 -4.50
N THR A 64 -1.00 10.20 -4.30
CA THR A 64 -0.83 9.17 -5.32
C THR A 64 -2.13 8.35 -5.40
N GLU A 65 -2.24 7.60 -6.48
CA GLU A 65 -3.44 6.81 -6.71
C GLU A 65 -3.09 5.62 -7.59
N ILE A 66 -3.67 4.47 -7.28
CA ILE A 66 -3.66 3.34 -8.18
C ILE A 66 -5.13 2.88 -8.43
N SER A 67 -5.38 2.44 -9.66
CA SER A 67 -6.59 1.75 -10.02
C SER A 67 -6.22 0.46 -10.69
N PHE A 68 -6.92 -0.64 -10.40
CA PHE A 68 -6.50 -1.96 -10.87
C PHE A 68 -7.65 -2.92 -10.84
N ILE A 69 -7.45 -4.02 -11.54
CA ILE A 69 -8.28 -5.18 -11.55
C ILE A 69 -7.50 -6.32 -10.89
N LEU A 70 -8.11 -7.07 -10.00
CA LEU A 70 -7.43 -8.13 -9.32
C LEU A 70 -6.82 -9.10 -10.30
N GLY A 71 -5.56 -9.46 -10.09
CA GLY A 71 -4.84 -10.40 -10.93
C GLY A 71 -4.25 -9.87 -12.22
N GLN A 72 -4.45 -8.61 -12.51
CA GLN A 72 -4.02 -8.01 -13.76
CA GLN A 72 -4.02 -7.99 -13.77
C GLN A 72 -2.89 -6.99 -13.49
N GLU A 73 -1.71 -7.34 -13.97
CA GLU A 73 -0.52 -6.51 -13.79
CA GLU A 73 -0.52 -6.52 -13.78
C GLU A 73 -0.69 -5.08 -14.31
N PHE A 74 -0.09 -4.11 -13.65
CA PHE A 74 -0.14 -2.71 -14.01
C PHE A 74 1.17 -2.03 -13.69
N ASP A 75 1.37 -0.92 -14.38
CA ASP A 75 2.52 -0.10 -14.06
CA ASP A 75 2.45 0.04 -14.10
C ASP A 75 2.12 0.91 -12.95
N GLU A 76 3.09 1.14 -12.04
CA GLU A 76 2.91 1.99 -10.92
C GLU A 76 4.21 2.79 -10.67
N VAL A 77 4.08 4.09 -10.43
CA VAL A 77 5.13 4.95 -9.93
C VAL A 77 4.85 5.12 -8.43
N THR A 78 5.76 4.66 -7.62
CA THR A 78 5.59 4.67 -6.14
C THR A 78 5.88 6.08 -5.59
N ALA A 79 5.61 6.25 -4.29
CA ALA A 79 5.79 7.54 -3.65
C ALA A 79 7.28 7.97 -3.66
N ASP A 80 8.18 6.98 -3.63
CA ASP A 80 9.62 7.19 -3.72
C ASP A 80 10.18 7.15 -5.15
N ASP A 81 9.26 7.17 -6.11
CA ASP A 81 9.60 7.31 -7.55
C ASP A 81 10.21 6.10 -8.16
N ARG A 82 9.97 4.92 -7.59
CA ARG A 82 10.29 3.69 -8.30
C ARG A 82 9.26 3.46 -9.38
N LYS A 83 9.69 2.98 -10.51
CA LYS A 83 8.86 2.53 -11.60
CA LYS A 83 8.81 2.54 -11.56
C LYS A 83 8.74 1.03 -11.49
N VAL A 84 7.56 0.56 -11.04
CA VAL A 84 7.39 -0.85 -10.71
C VAL A 84 6.28 -1.52 -11.53
N LYS A 85 6.32 -2.82 -11.60
CA LYS A 85 5.21 -3.54 -12.14
CA LYS A 85 5.24 -3.62 -12.14
C LYS A 85 4.52 -4.28 -10.97
N SER A 86 3.24 -4.00 -10.83
CA SER A 86 2.44 -4.39 -9.68
C SER A 86 1.34 -5.35 -10.05
N THR A 87 1.07 -6.31 -9.18
CA THR A 87 -0.06 -7.20 -9.28
C THR A 87 -0.68 -7.33 -7.92
N ILE A 88 -2.01 -7.14 -7.87
CA ILE A 88 -2.74 -7.23 -6.59
C ILE A 88 -3.78 -8.34 -6.70
N THR A 89 -3.82 -9.21 -5.76
CA THR A 89 -4.80 -10.30 -5.69
C THR A 89 -5.45 -10.31 -4.29
N LEU A 90 -6.54 -11.05 -4.17
CA LEU A 90 -7.17 -11.34 -2.87
CA LEU A 90 -7.18 -11.31 -2.89
C LEU A 90 -6.84 -12.75 -2.47
N ASP A 91 -6.27 -12.94 -1.31
CA ASP A 91 -5.86 -14.26 -0.84
C ASP A 91 -6.54 -14.36 0.48
N GLY A 92 -7.57 -15.20 0.58
CA GLY A 92 -8.19 -15.35 1.87
C GLY A 92 -8.68 -14.06 2.55
N GLY A 93 -9.20 -13.19 1.75
CA GLY A 93 -9.69 -11.91 2.30
C GLY A 93 -8.64 -10.75 2.53
N VAL A 94 -7.39 -11.06 2.21
CA VAL A 94 -6.26 -10.11 2.32
C VAL A 94 -5.89 -9.63 0.93
N LEU A 95 -5.81 -8.32 0.75
CA LEU A 95 -5.28 -7.76 -0.50
C LEU A 95 -3.75 -7.93 -0.46
N VAL A 96 -3.19 -8.62 -1.46
CA VAL A 96 -1.75 -8.91 -1.56
C VAL A 96 -1.23 -8.20 -2.78
N HIS A 97 -0.35 -7.21 -2.57
CA HIS A 97 0.17 -6.33 -3.61
C HIS A 97 1.64 -6.58 -3.73
N VAL A 98 2.07 -7.09 -4.88
CA VAL A 98 3.52 -7.38 -5.18
C VAL A 98 4.00 -6.35 -6.17
N GLN A 99 5.11 -5.71 -5.84
CA GLN A 99 5.79 -4.75 -6.72
C GLN A 99 7.14 -5.32 -7.15
N LYS A 100 7.40 -5.33 -8.43
CA LYS A 100 8.65 -5.85 -9.00
C LYS A 100 9.37 -4.71 -9.74
N TRP A 101 10.67 -4.56 -9.48
CA TRP A 101 11.47 -3.58 -10.22
C TRP A 101 12.95 -3.90 -10.03
N ASP A 102 13.73 -3.75 -11.12
CA ASP A 102 15.18 -3.95 -11.06
C ASP A 102 15.60 -5.28 -10.43
N GLY A 103 14.85 -6.33 -10.67
CA GLY A 103 15.11 -7.64 -10.09
C GLY A 103 14.75 -7.85 -8.65
N LYS A 104 14.15 -6.84 -8.09
CA LYS A 104 13.75 -6.81 -6.65
C LYS A 104 12.23 -6.98 -6.54
N SER A 105 11.79 -7.23 -5.33
CA SER A 105 10.37 -7.43 -5.05
C SER A 105 10.03 -7.03 -3.64
N THR A 106 8.88 -6.39 -3.45
CA THR A 106 8.30 -6.17 -2.12
C THR A 106 6.82 -6.55 -2.17
N THR A 107 6.32 -6.99 -1.00
CA THR A 107 4.91 -7.36 -0.85
C THR A 107 4.26 -6.55 0.25
N ILE A 108 3.12 -5.98 -0.08
CA ILE A 108 2.31 -5.17 0.83
C ILE A 108 0.95 -5.87 0.96
N LYS A 109 0.61 -6.19 2.21
CA LYS A 109 -0.65 -6.87 2.52
C LYS A 109 -1.55 -5.89 3.25
N ARG A 110 -2.81 -5.81 2.86
CA ARG A 110 -3.82 -4.93 3.49
C ARG A 110 -4.94 -5.82 3.96
N LYS A 111 -5.29 -5.72 5.24
CA LYS A 111 -6.35 -6.58 5.79
C LYS A 111 -7.14 -5.80 6.82
N ARG A 112 -8.39 -6.22 6.93
CA ARG A 112 -9.30 -5.71 7.99
C ARG A 112 -9.10 -6.55 9.24
N GLU A 113 -8.90 -5.86 10.36
CA GLU A 113 -8.73 -6.50 11.70
CA GLU A 113 -8.74 -6.50 11.69
C GLU A 113 -9.47 -5.62 12.68
N ASP A 114 -10.55 -6.16 13.25
CA ASP A 114 -11.43 -5.35 14.10
C ASP A 114 -11.86 -4.10 13.32
N ASP A 115 -11.78 -2.90 13.88
CA ASP A 115 -12.15 -1.68 13.18
C ASP A 115 -10.99 -1.04 12.46
N LYS A 116 -9.87 -1.72 12.35
CA LYS A 116 -8.67 -1.19 11.72
C LYS A 116 -8.47 -1.83 10.33
N LEU A 117 -7.67 -1.13 9.52
CA LEU A 117 -7.10 -1.63 8.29
C LEU A 117 -5.57 -1.65 8.53
N VAL A 118 -5.03 -2.85 8.56
CA VAL A 118 -3.63 -3.08 8.87
C VAL A 118 -2.87 -3.32 7.60
N VAL A 119 -1.79 -2.59 7.41
CA VAL A 119 -0.94 -2.68 6.20
C VAL A 119 0.43 -3.19 6.63
N GLU A 120 0.82 -4.33 6.11
CA GLU A 120 2.10 -4.95 6.40
C GLU A 120 2.97 -4.92 5.15
N CYS A 121 4.15 -4.36 5.27
CA CYS A 121 5.03 -4.09 4.16
C CYS A 121 6.29 -4.90 4.39
N VAL A 122 6.66 -5.76 3.46
CA VAL A 122 7.80 -6.66 3.66
C VAL A 122 8.78 -6.56 2.50
N MET A 123 10.05 -6.40 2.86
CA MET A 123 11.16 -6.40 1.83
C MET A 123 12.30 -7.19 2.50
N LYS A 124 12.63 -8.35 1.89
CA LYS A 124 13.57 -9.32 2.37
C LYS A 124 13.15 -9.65 3.78
N GLY A 125 13.99 -9.46 4.74
CA GLY A 125 13.58 -9.87 6.12
C GLY A 125 12.89 -8.79 6.97
N VAL A 126 12.66 -7.64 6.36
CA VAL A 126 12.16 -6.46 7.10
C VAL A 126 10.65 -6.24 6.88
N THR A 127 9.93 -6.14 8.00
CA THR A 127 8.49 -5.89 8.02
C THR A 127 8.22 -4.55 8.67
N SER A 128 7.38 -3.76 8.06
CA SER A 128 6.77 -2.58 8.67
C SER A 128 5.28 -2.71 8.76
N THR A 129 4.68 -2.32 9.88
CA THR A 129 3.25 -2.39 10.10
C THR A 129 2.72 -0.97 10.26
N ARG A 130 1.72 -0.65 9.42
CA ARG A 130 1.06 0.64 9.44
C ARG A 130 -0.42 0.43 9.64
N VAL A 131 -0.96 1.01 10.71
CA VAL A 131 -2.33 0.79 11.18
C VAL A 131 -3.14 2.00 10.85
N TYR A 132 -4.28 1.79 10.17
CA TYR A 132 -5.23 2.84 9.81
C TYR A 132 -6.56 2.60 10.54
N GLU A 133 -7.22 3.71 10.87
CA GLU A 133 -8.58 3.70 11.42
CA GLU A 133 -8.62 3.61 11.35
C GLU A 133 -9.50 4.52 10.50
N ARG A 134 -10.83 4.34 10.61
CA ARG A 134 -11.72 5.12 9.81
C ARG A 134 -11.60 6.55 10.14
N ALA A 135 -11.65 7.39 9.11
CA ALA A 135 -11.57 8.84 9.29
C ALA A 135 -12.90 9.44 9.68
C01 WKW B . 2.12 2.61 2.63
C02 WKW B . 3.29 3.41 2.18
C04 WKW B . 4.42 1.20 1.70
C05 WKW B . 3.20 0.69 1.48
C06 WKW B . 2.11 1.20 2.44
C07 WKW B . 4.13 9.34 1.84
C10 WKW B . 3.63 10.72 1.97
C13 WKW B . 5.62 7.53 1.34
C15 WKW B . 6.76 6.77 0.93
C17 WKW B . 8.15 5.15 0.37
C20 WKW B . 8.69 3.78 0.15
C21 WKW B . 3.21 4.86 2.35
C23 WKW B . 0.92 3.22 3.15
C26 WKW B . 8.37 2.76 1.19
C27 WKW B . 7.70 2.71 -0.14
C03 WKW B . 4.45 2.77 1.56
C08 WKW B . 5.45 9.04 1.32
C09 WKW B . 6.46 10.03 0.84
S11 WKW B . 3.29 8.02 2.30
C12 WKW B . 4.43 6.92 1.83
N14 WKW B . 4.31 5.54 1.86
N16 WKW B . 6.90 5.42 0.87
N18 WKW B . 8.79 6.30 0.15
O19 WKW B . 7.91 7.35 0.49
O22 WKW B . 2.30 5.50 2.84
O24 WKW B . 0.00 3.48 2.28
O25 WKW B . 0.77 3.36 4.38
H30 WKW B . 4.71 0.95 2.60
H31 WKW B . 5.04 0.82 1.06
H32 WKW B . 3.25 -0.28 1.55
H33 WKW B . 2.93 0.91 0.57
H34 WKW B . 1.24 0.95 2.09
H35 WKW B . 2.24 0.77 3.31
H40 WKW B . 4.33 11.28 2.35
H41 WKW B . 2.86 10.72 2.55
H39 WKW B . 3.38 11.05 1.09
H43 WKW B . 9.54 3.68 -0.29
H46 WKW B . 7.83 3.07 1.93
H45 WKW B . 9.06 2.10 1.34
H48 WKW B . 8.00 2.00 -0.73
H47 WKW B . 6.77 2.99 -0.15
H29 WKW B . 5.27 3.08 1.99
H28 WKW B . 4.48 3.00 0.61
H38 WKW B . 6.41 10.84 1.38
H37 WKW B . 6.28 10.24 -0.09
H36 WKW B . 7.35 9.66 0.92
H42 WKW B . 4.96 5.07 1.46
S SO4 C . -17.20 -1.56 9.66
O1 SO4 C . -16.52 -2.32 10.77
O2 SO4 C . -18.62 -1.80 9.79
O3 SO4 C . -16.76 -2.00 8.33
O4 SO4 C . -16.87 -0.08 9.81
#